data_7VLM
#
_entry.id   7VLM
#
_cell.length_a   105.371
_cell.length_b   32.405
_cell.length_c   62.594
_cell.angle_alpha   90.000
_cell.angle_beta   120.366
_cell.angle_gamma   90.000
#
_symmetry.space_group_name_H-M   'C 1 2 1'
#
loop_
_entity.id
_entity.type
_entity.pdbx_description
1 polymer H2C7
2 non-polymer 'ACETATE ION'
3 non-polymer DI(HYDROXYETHYL)ETHER
4 non-polymer 'MAGNESIUM ION'
5 water water
#
_entity_poly.entity_id   1
_entity_poly.type   'polypeptide(L)'
_entity_poly.pdbx_seq_one_letter_code
;(MSE)KIDTTVTEVKENGKTYLRLLKGNEQLKAVSDKAVAGVNLFPGAKIGSFLVRQDNIVVFPDNKGEFDLDFFNLLND
NFETLVEYAK(MSE)ADCLDIAFDINEKSYFN(MSE)I(MSE)WL(MSE)KNIDENWSQSPYGESFYSSKDIDWGYKPEG
SLRVSDHWNFGQDGEHCPTAEPVDGWAVCKFENGKYHLIKKF
;
_entity_poly.pdbx_strand_id   A
#
loop_
_chem_comp.id
_chem_comp.type
_chem_comp.name
_chem_comp.formula
ACT non-polymer 'ACETATE ION' 'C2 H3 O2 -1'
MG non-polymer 'MAGNESIUM ION' 'Mg 2'
PEG non-polymer DI(HYDROXYETHYL)ETHER 'C4 H10 O3'
#
# COMPACT_ATOMS: atom_id res chain seq x y z
N MSE A 1 6.17 1.41 -20.49
CA MSE A 1 7.52 0.92 -20.82
C MSE A 1 7.49 -0.59 -20.99
O MSE A 1 7.08 -1.31 -20.09
CB MSE A 1 8.52 1.20 -19.69
CG MSE A 1 9.88 0.49 -19.92
SE MSE A 1 11.34 1.05 -18.73
CE MSE A 1 12.72 -0.24 -19.29
H1 MSE A 1 6.13 2.28 -20.63
H2 MSE A 1 5.57 1.00 -21.02
H3 MSE A 1 5.98 1.23 -19.64
HA MSE A 1 7.82 1.38 -21.61
HB2 MSE A 1 8.69 2.15 -19.65
HB3 MSE A 1 8.16 0.88 -18.86
HG2 MSE A 1 9.75 -0.46 -19.79
HG3 MSE A 1 10.17 0.68 -20.83
HE1 MSE A 1 12.90 -0.11 -20.23
HE2 MSE A 1 13.53 -0.08 -18.78
HE3 MSE A 1 12.40 -1.14 -19.14
N LYS A 2 7.94 -1.05 -22.16
CA LYS A 2 7.96 -2.49 -22.49
C LYS A 2 9.19 -3.16 -21.89
N ILE A 3 8.98 -4.33 -21.27
CA ILE A 3 10.08 -5.22 -20.91
C ILE A 3 9.73 -6.63 -21.37
N ASP A 4 10.76 -7.44 -21.51
CA ASP A 4 10.63 -8.82 -21.94
C ASP A 4 9.91 -9.62 -20.88
N THR A 5 8.91 -10.41 -21.28
CA THR A 5 8.13 -11.20 -20.32
C THR A 5 8.22 -12.69 -20.59
N THR A 6 9.22 -13.14 -21.33
CA THR A 6 9.46 -14.58 -21.45
C THR A 6 9.88 -15.15 -20.11
N VAL A 7 9.30 -16.30 -19.77
CA VAL A 7 9.55 -17.00 -18.51
C VAL A 7 10.47 -18.18 -18.76
N THR A 8 11.56 -18.26 -18.00
CA THR A 8 12.52 -19.34 -18.06
C THR A 8 12.52 -20.06 -16.72
N GLU A 9 12.51 -21.38 -16.77
CA GLU A 9 12.68 -22.22 -15.59
C GLU A 9 14.18 -22.37 -15.34
N VAL A 10 14.66 -21.75 -14.27
CA VAL A 10 16.08 -21.73 -13.91
C VAL A 10 16.30 -22.65 -12.71
N LYS A 11 17.38 -23.40 -12.74
CA LYS A 11 17.81 -24.21 -11.62
C LYS A 11 18.83 -23.43 -10.83
N GLU A 12 18.59 -23.27 -9.53
CA GLU A 12 19.57 -22.62 -8.67
C GLU A 12 19.69 -23.39 -7.36
N ASN A 13 20.89 -23.87 -7.09
CA ASN A 13 21.20 -24.66 -5.89
C ASN A 13 20.19 -25.78 -5.64
N GLY A 14 19.83 -26.49 -6.71
CA GLY A 14 19.02 -27.68 -6.58
C GLY A 14 17.52 -27.48 -6.62
N LYS A 15 17.04 -26.25 -6.74
CA LYS A 15 15.62 -25.93 -6.82
C LYS A 15 15.35 -25.20 -8.12
N THR A 16 14.11 -25.27 -8.60
CA THR A 16 13.73 -24.61 -9.84
C THR A 16 12.89 -23.38 -9.54
N TYR A 17 13.08 -22.34 -10.35
CA TYR A 17 12.42 -21.07 -10.17
C TYR A 17 12.04 -20.53 -11.54
N LEU A 18 10.92 -19.85 -11.61
CA LEU A 18 10.53 -19.13 -12.83
C LEU A 18 11.05 -17.70 -12.76
N ARG A 19 11.71 -17.25 -13.81
CA ARG A 19 12.33 -15.94 -13.84
C ARG A 19 12.15 -15.35 -15.23
N LEU A 20 12.03 -14.03 -15.27
CA LEU A 20 11.99 -13.27 -16.52
C LEU A 20 13.41 -12.76 -16.71
N LEU A 21 14.26 -13.58 -17.34
CA LEU A 21 15.69 -13.28 -17.39
C LEU A 21 15.96 -11.96 -18.11
N LYS A 22 15.38 -11.77 -19.31
CA LYS A 22 15.64 -10.55 -20.05
C LYS A 22 14.90 -9.38 -19.42
N GLY A 23 13.69 -9.60 -18.87
CA GLY A 23 12.99 -8.51 -18.22
C GLY A 23 13.75 -8.00 -17.01
N ASN A 24 14.36 -8.91 -16.26
CA ASN A 24 15.12 -8.51 -15.09
C ASN A 24 16.34 -7.70 -15.52
N GLU A 25 16.99 -8.09 -16.63
CA GLU A 25 18.11 -7.31 -17.13
C GLU A 25 17.67 -5.91 -17.50
N GLN A 26 16.53 -5.80 -18.19
CA GLN A 26 16.09 -4.51 -18.69
C GLN A 26 15.67 -3.58 -17.56
N LEU A 27 15.13 -4.13 -16.48
CA LEU A 27 14.75 -3.27 -15.36
C LEU A 27 15.96 -2.64 -14.70
N LYS A 28 17.17 -3.09 -15.00
CA LYS A 28 18.35 -2.43 -14.45
C LYS A 28 18.53 -1.02 -14.98
N ALA A 29 17.92 -0.68 -16.11
CA ALA A 29 18.03 0.68 -16.60
C ALA A 29 17.28 1.68 -15.72
N VAL A 30 16.31 1.22 -14.93
CA VAL A 30 15.46 2.12 -14.16
C VAL A 30 15.55 1.91 -12.65
N SER A 31 16.23 0.87 -12.17
CA SER A 31 16.28 0.63 -10.74
C SER A 31 17.32 -0.44 -10.44
N ASP A 32 17.94 -0.38 -9.26
CA ASP A 32 18.82 -1.44 -8.82
C ASP A 32 18.13 -2.42 -7.89
N LYS A 33 16.82 -2.29 -7.69
CA LYS A 33 16.10 -3.13 -6.74
C LYS A 33 14.77 -3.60 -7.31
N ALA A 34 14.67 -3.72 -8.63
CA ALA A 34 13.45 -4.15 -9.28
C ALA A 34 13.62 -5.55 -9.86
N VAL A 35 12.54 -6.33 -9.82
CA VAL A 35 12.47 -7.68 -10.38
C VAL A 35 11.23 -7.73 -11.26
N ALA A 36 11.30 -8.43 -12.37
CA ALA A 36 10.16 -8.64 -13.25
C ALA A 36 9.45 -9.91 -12.82
N GLY A 37 8.15 -9.82 -12.52
CA GLY A 37 7.40 -10.97 -12.05
C GLY A 37 6.46 -11.54 -13.11
N VAL A 38 5.97 -12.75 -12.83
CA VAL A 38 4.89 -13.33 -13.63
C VAL A 38 3.74 -13.73 -12.72
N ASN A 39 2.50 -13.46 -13.16
CA ASN A 39 1.31 -14.00 -12.52
C ASN A 39 0.87 -15.27 -13.23
N LYS A 45 -4.16 -8.11 -15.76
CA LYS A 45 -4.13 -7.73 -17.17
C LYS A 45 -3.78 -6.25 -17.36
N ILE A 46 -3.90 -5.48 -16.27
CA ILE A 46 -3.57 -4.05 -16.29
C ILE A 46 -2.16 -3.78 -15.76
N GLY A 47 -1.59 -4.72 -15.03
CA GLY A 47 -0.26 -4.55 -14.44
C GLY A 47 -0.34 -4.16 -12.99
N SER A 48 0.65 -4.58 -12.21
CA SER A 48 0.69 -4.22 -10.80
C SER A 48 2.13 -4.21 -10.32
N PHE A 49 2.30 -3.89 -9.04
CA PHE A 49 3.60 -3.86 -8.38
C PHE A 49 3.44 -4.47 -7.01
N LEU A 50 4.52 -5.03 -6.50
CA LEU A 50 4.57 -5.58 -5.15
C LEU A 50 5.85 -5.07 -4.51
N VAL A 51 5.73 -4.33 -3.41
CA VAL A 51 6.88 -3.84 -2.69
C VAL A 51 7.15 -4.82 -1.57
N ARG A 52 8.30 -5.50 -1.66
CA ARG A 52 8.82 -6.45 -0.69
C ARG A 52 9.93 -5.77 0.10
N GLN A 53 10.45 -6.48 1.10
CA GLN A 53 11.44 -5.85 1.96
C GLN A 53 12.69 -5.43 1.18
N ASP A 54 13.05 -6.20 0.16
CA ASP A 54 14.33 -6.04 -0.48
C ASP A 54 14.23 -5.51 -1.90
N ASN A 55 13.05 -5.56 -2.52
CA ASN A 55 12.95 -5.17 -3.92
C ASN A 55 11.49 -4.85 -4.25
N ILE A 56 11.31 -4.30 -5.44
CA ILE A 56 10.00 -4.02 -6.03
C ILE A 56 9.80 -5.03 -7.15
N VAL A 57 8.69 -5.75 -7.12
CA VAL A 57 8.32 -6.65 -8.22
C VAL A 57 7.39 -5.92 -9.17
N VAL A 58 7.73 -5.97 -10.45
CA VAL A 58 6.97 -5.33 -11.52
C VAL A 58 6.23 -6.44 -12.27
N PHE A 59 4.89 -6.40 -12.24
CA PHE A 59 4.07 -7.30 -13.05
C PHE A 59 3.56 -6.55 -14.27
N PRO A 60 4.11 -6.77 -15.47
CA PRO A 60 3.66 -5.98 -16.62
C PRO A 60 2.23 -6.31 -17.02
N ASP A 61 1.64 -5.39 -17.78
CA ASP A 61 0.30 -5.59 -18.32
C ASP A 61 0.34 -6.56 -19.51
N ASN A 62 -0.79 -6.73 -20.18
CA ASN A 62 -0.88 -7.71 -21.26
C ASN A 62 -0.14 -7.31 -22.53
N LYS A 63 0.38 -6.09 -22.59
CA LYS A 63 1.25 -5.59 -23.65
C LYS A 63 2.72 -5.83 -23.32
N GLY A 64 2.99 -6.34 -22.11
CA GLY A 64 4.34 -6.39 -21.59
C GLY A 64 4.87 -5.08 -21.08
N GLU A 65 4.00 -4.15 -20.71
CA GLU A 65 4.38 -2.78 -20.39
C GLU A 65 4.04 -2.48 -18.94
N PHE A 66 4.76 -1.56 -18.34
CA PHE A 66 4.45 -1.13 -16.97
C PHE A 66 4.49 0.39 -16.91
N ASP A 67 3.80 0.94 -15.92
CA ASP A 67 3.73 2.39 -15.79
C ASP A 67 5.00 2.90 -15.10
N LEU A 68 5.89 3.49 -15.88
CA LEU A 68 7.18 3.91 -15.35
C LEU A 68 7.04 5.08 -14.37
N ASP A 69 6.10 5.98 -14.63
CA ASP A 69 5.88 7.11 -13.72
C ASP A 69 5.48 6.61 -12.33
N PHE A 70 4.52 5.69 -12.27
CA PHE A 70 4.15 5.13 -10.98
C PHE A 70 5.30 4.35 -10.37
N PHE A 71 6.00 3.56 -11.19
CA PHE A 71 7.16 2.84 -10.69
C PHE A 71 8.14 3.79 -10.03
N ASN A 72 8.37 4.96 -10.63
CA ASN A 72 9.34 5.89 -10.09
C ASN A 72 8.94 6.39 -8.71
N LEU A 73 7.64 6.54 -8.45
CA LEU A 73 7.21 6.91 -7.12
C LEU A 73 7.60 5.85 -6.11
N LEU A 74 7.39 4.58 -6.45
CA LEU A 74 7.76 3.49 -5.55
C LEU A 74 9.26 3.42 -5.37
N ASN A 75 10.00 3.50 -6.48
CA ASN A 75 11.45 3.34 -6.44
C ASN A 75 12.11 4.44 -5.63
N ASP A 76 11.64 5.68 -5.81
CA ASP A 76 12.26 6.83 -5.15
C ASP A 76 11.89 6.91 -3.67
N ASN A 77 10.81 6.25 -3.23
CA ASN A 77 10.32 6.34 -1.86
C ASN A 77 10.28 4.97 -1.21
N PHE A 78 11.20 4.10 -1.65
CA PHE A 78 11.16 2.70 -1.26
C PHE A 78 11.32 2.50 0.24
N GLU A 79 12.26 3.21 0.85
CA GLU A 79 12.51 3.03 2.28
C GLU A 79 11.28 3.35 3.12
N THR A 80 10.53 4.41 2.75
CA THR A 80 9.31 4.76 3.47
C THR A 80 8.27 3.65 3.33
N LEU A 81 8.16 3.06 2.13
CA LEU A 81 7.19 1.99 1.92
C LEU A 81 7.55 0.78 2.75
N VAL A 82 8.83 0.44 2.83
CA VAL A 82 9.26 -0.72 3.60
C VAL A 82 9.06 -0.47 5.08
N GLU A 83 9.33 0.74 5.53
CA GLU A 83 9.09 1.07 6.94
C GLU A 83 7.60 0.98 7.27
N TYR A 84 6.74 1.44 6.36
CA TYR A 84 5.31 1.30 6.57
C TYR A 84 4.92 -0.17 6.68
N ALA A 85 5.37 -1.00 5.75
CA ALA A 85 4.99 -2.41 5.78
C ALA A 85 5.43 -3.07 7.07
N LYS A 86 6.64 -2.77 7.53
CA LYS A 86 7.10 -3.36 8.79
C LYS A 86 6.24 -2.89 9.95
N MSE A 87 5.95 -1.59 10.02
N MSE A 87 5.94 -1.60 10.01
CA MSE A 87 5.13 -1.06 11.10
CA MSE A 87 5.15 -1.06 11.11
C MSE A 87 3.74 -1.67 11.12
C MSE A 87 3.74 -1.64 11.12
O MSE A 87 3.23 -2.03 12.18
O MSE A 87 3.21 -1.96 12.19
CB MSE A 87 4.98 0.45 10.98
CB MSE A 87 5.09 0.45 10.97
CG MSE A 87 4.07 1.08 12.04
CG MSE A 87 4.18 1.16 11.95
SE MSE A 87 2.15 1.22 11.57
SE MSE A 87 4.18 3.07 11.51
CE MSE A 87 2.36 2.47 10.09
CE MSE A 87 5.17 3.78 13.05
H MSE A 87 6.21 -1.00 9.46
H MSE A 87 6.19 -1.01 9.43
HA MSE A 87 5.58 -1.26 11.94
HA MSE A 87 5.57 -1.28 11.95
HB2 MSE A 87 5.85 0.87 11.05
HB2 MSE A 87 5.98 0.81 11.08
HB3 MSE A 87 4.59 0.66 10.11
HB3 MSE A 87 4.76 0.66 10.08
HG2 MSE A 87 4.13 0.55 12.84
HG2 MSE A 87 3.29 0.81 11.90
HG3 MSE A 87 4.39 1.98 12.22
HG3 MSE A 87 4.53 1.05 12.86
HE1 MSE A 87 1.48 2.66 9.72
HE1 MSE A 87 5.24 4.74 12.96
HE2 MSE A 87 2.76 3.29 10.43
HE2 MSE A 87 4.69 3.55 13.87
HE3 MSE A 87 2.93 2.07 9.42
HE3 MSE A 87 6.04 3.37 13.07
N ALA A 88 3.13 -1.77 9.94
CA ALA A 88 1.76 -2.24 9.79
C ALA A 88 1.62 -3.76 9.77
N ASP A 89 2.74 -4.49 9.88
CA ASP A 89 2.78 -5.95 9.89
C ASP A 89 2.22 -6.52 8.58
N CYS A 90 2.71 -5.97 7.48
CA CYS A 90 2.40 -6.45 6.15
C CYS A 90 3.70 -6.97 5.56
N LEU A 91 3.72 -8.24 5.16
CA LEU A 91 4.95 -8.79 4.58
C LEU A 91 5.33 -8.02 3.32
N ASP A 92 4.36 -7.77 2.46
CA ASP A 92 4.56 -6.99 1.26
C ASP A 92 3.32 -6.13 1.05
N ILE A 93 3.43 -5.14 0.17
CA ILE A 93 2.30 -4.28 -0.12
C ILE A 93 2.15 -4.13 -1.62
N ALA A 94 0.91 -4.08 -2.08
CA ALA A 94 0.58 -4.18 -3.48
C ALA A 94 0.00 -2.88 -3.99
N PHE A 95 0.32 -2.54 -5.23
CA PHE A 95 -0.14 -1.33 -5.89
C PHE A 95 -0.60 -1.60 -7.32
N ASP A 96 -1.53 -0.79 -7.79
CA ASP A 96 -1.92 -0.66 -9.19
C ASP A 96 -1.75 0.80 -9.58
N ILE A 97 -1.87 1.09 -10.88
CA ILE A 97 -2.00 2.49 -11.32
C ILE A 97 -3.19 3.18 -10.65
N ASN A 98 -4.15 2.40 -10.13
CA ASN A 98 -5.34 2.91 -9.47
C ASN A 98 -5.17 3.02 -7.95
N GLU A 99 -3.94 2.88 -7.45
CA GLU A 99 -3.67 2.89 -6.03
C GLU A 99 -2.79 4.07 -5.66
N LYS A 100 -2.90 5.19 -6.39
CA LYS A 100 -2.19 6.39 -6.00
C LYS A 100 -2.66 6.86 -4.63
N SER A 101 -3.95 6.71 -4.33
CA SER A 101 -4.41 7.16 -3.02
C SER A 101 -3.79 6.33 -1.91
N TYR A 102 -3.57 5.04 -2.13
CA TYR A 102 -2.90 4.21 -1.13
C TYR A 102 -1.46 4.69 -0.95
N PHE A 103 -0.73 4.92 -2.05
CA PHE A 103 0.60 5.48 -1.95
C PHE A 103 0.60 6.79 -1.16
N ASN A 104 -0.33 7.69 -1.49
CA ASN A 104 -0.37 9.00 -0.84
C ASN A 104 -0.70 8.90 0.65
N MSE A 105 -1.56 7.96 1.00
CA MSE A 105 -1.86 7.66 2.40
C MSE A 105 -0.59 7.28 3.15
O MSE A 105 -0.30 7.79 4.20
CB MSE A 105 -2.94 6.57 2.49
CG MSE A 105 -3.37 6.26 3.93
SE MSE A 105 -2.15 5.05 4.94
CE MSE A 105 -2.24 3.54 3.80
H MSE A 105 -2.00 7.47 0.45
HA MSE A 105 -2.22 8.44 2.85
HB2 MSE A 105 -3.73 6.87 2.01
HB3 MSE A 105 -2.60 5.75 2.11
HG2 MSE A 105 -3.42 7.10 4.42
HG3 MSE A 105 -4.24 5.84 3.91
HE1 MSE A 105 -1.88 3.79 2.92
HE2 MSE A 105 -1.70 2.83 4.16
HE3 MSE A 105 -3.16 3.26 3.71
N ILE A 106 0.18 6.34 2.59
CA ILE A 106 1.37 5.88 3.29
C ILE A 106 2.36 7.02 3.50
N MSE A 107 2.62 7.81 2.46
CA MSE A 107 3.52 8.97 2.57
C MSE A 107 3.08 9.90 3.67
O MSE A 107 3.90 10.31 4.50
CB MSE A 107 3.54 9.69 1.22
CG MSE A 107 4.19 8.91 0.08
SE MSE A 107 6.04 8.29 0.35
CE MSE A 107 5.56 6.36 0.44
H MSE A 107 2.27 7.71 1.68
HA MSE A 107 4.42 8.66 2.77
HB2 MSE A 107 2.63 9.89 0.96
HB3 MSE A 107 4.04 10.52 1.33
HG2 MSE A 107 3.65 8.12 -0.08
HG3 MSE A 107 4.19 9.47 -0.71
HE1 MSE A 107 5.20 6.09 -0.41
HE2 MSE A 107 6.35 5.86 0.66
HE3 MSE A 107 4.89 6.25 1.14
N TRP A 108 1.79 10.25 3.68
CA TRP A 108 1.27 11.14 4.71
C TRP A 108 1.40 10.50 6.07
N LEU A 109 0.99 9.24 6.18
CA LEU A 109 1.01 8.59 7.48
C LEU A 109 2.43 8.52 8.07
N MSE A 110 3.40 8.13 7.27
CA MSE A 110 4.73 8.00 7.86
C MSE A 110 5.34 9.35 8.27
O MSE A 110 6.18 9.40 9.16
CB MSE A 110 5.65 7.25 6.89
CG MSE A 110 5.22 5.81 6.60
SE MSE A 110 4.75 4.79 8.20
CE MSE A 110 6.49 4.69 9.02
H MSE A 110 3.33 7.95 6.44
HA MSE A 110 4.66 7.47 8.67
HB2 MSE A 110 5.66 7.73 6.04
HB3 MSE A 110 6.55 7.23 7.27
HG2 MSE A 110 4.45 5.83 6.02
HG3 MSE A 110 5.97 5.35 6.17
HE1 MSE A 110 6.73 5.58 9.34
HE2 MSE A 110 6.45 4.07 9.77
HE3 MSE A 110 7.13 4.39 8.37
N LYS A 111 4.87 10.44 7.67
CA LYS A 111 5.31 11.76 8.09
C LYS A 111 4.62 12.20 9.38
N ASN A 112 3.34 11.84 9.56
CA ASN A 112 2.51 12.41 10.61
C ASN A 112 2.29 11.51 11.80
N ILE A 113 2.56 10.22 11.68
CA ILE A 113 2.41 9.32 12.81
C ILE A 113 3.43 9.64 13.87
N ASP A 114 3.11 9.29 15.11
CA ASP A 114 4.06 9.41 16.21
C ASP A 114 3.86 8.25 17.17
N GLU A 115 4.70 8.22 18.23
CA GLU A 115 4.78 7.07 19.11
C GLU A 115 3.47 6.81 19.84
N ASN A 116 2.59 7.80 19.93
CA ASN A 116 1.31 7.64 20.63
C ASN A 116 0.16 7.18 19.72
N TRP A 117 0.38 7.02 18.42
CA TRP A 117 -0.63 6.40 17.55
C TRP A 117 -0.71 4.90 17.79
N SER A 118 -1.80 4.28 17.31
CA SER A 118 -1.98 2.83 17.40
C SER A 118 -2.56 2.35 16.08
N GLN A 119 -2.50 1.05 15.88
CA GLN A 119 -3.08 0.41 14.71
C GLN A 119 -4.14 -0.56 15.16
N SER A 120 -5.19 -0.68 14.38
CA SER A 120 -6.18 -1.73 14.61
C SER A 120 -5.49 -3.09 14.70
N PRO A 121 -5.92 -3.95 15.63
CA PRO A 121 -5.41 -5.33 15.63
C PRO A 121 -5.77 -6.12 14.40
N TYR A 122 -6.66 -5.61 13.55
CA TYR A 122 -7.30 -6.42 12.51
C TYR A 122 -6.93 -6.03 11.10
N GLY A 123 -6.18 -4.95 10.89
CA GLY A 123 -5.84 -4.57 9.52
C GLY A 123 -5.19 -3.20 9.48
N GLU A 124 -5.14 -2.64 8.26
CA GLU A 124 -4.44 -1.38 8.02
C GLU A 124 -5.41 -0.21 8.26
N SER A 125 -5.72 0.02 9.53
CA SER A 125 -6.44 1.20 9.99
C SER A 125 -5.64 1.72 11.18
N PHE A 126 -5.49 3.04 11.26
CA PHE A 126 -4.57 3.66 12.22
C PHE A 126 -5.29 4.78 12.95
N TYR A 127 -4.86 5.01 14.18
CA TYR A 127 -5.52 5.91 15.11
C TYR A 127 -4.49 6.79 15.81
N SER A 128 -4.87 8.03 16.10
CA SER A 128 -3.93 8.96 16.68
C SER A 128 -3.80 8.84 18.18
N SER A 129 -4.41 7.81 18.77
CA SER A 129 -4.37 7.61 20.20
C SER A 129 -4.29 6.12 20.47
N LYS A 130 -3.74 5.78 21.63
CA LYS A 130 -3.77 4.43 22.14
C LYS A 130 -5.06 4.09 22.90
N ASP A 131 -5.91 5.08 23.15
CA ASP A 131 -7.17 4.86 23.86
C ASP A 131 -8.32 4.64 22.87
N ILE A 132 -8.16 3.61 22.04
CA ILE A 132 -9.11 3.27 21.01
C ILE A 132 -9.53 1.83 21.20
N ASP A 133 -10.83 1.54 21.05
CA ASP A 133 -11.26 0.17 20.87
C ASP A 133 -12.42 0.18 19.86
N TRP A 134 -13.01 -0.99 19.65
CA TRP A 134 -14.09 -1.09 18.68
C TRP A 134 -15.26 -0.17 19.04
N GLY A 135 -15.48 0.07 20.33
CA GLY A 135 -16.65 0.82 20.75
C GLY A 135 -16.41 2.21 21.30
N TYR A 136 -15.17 2.69 21.28
CA TYR A 136 -14.88 4.00 21.83
C TYR A 136 -13.77 4.67 21.02
N LYS A 137 -14.01 5.93 20.65
CA LYS A 137 -13.01 6.80 20.05
C LYS A 137 -13.03 8.12 20.80
N PRO A 138 -11.90 8.62 21.27
CA PRO A 138 -11.91 9.94 21.91
C PRO A 138 -12.23 11.07 20.93
N GLU A 139 -12.85 12.12 21.41
CA GLU A 139 -13.12 13.25 20.54
C GLU A 139 -11.82 13.92 20.11
N GLY A 140 -11.76 14.27 18.83
CA GLY A 140 -10.57 14.87 18.26
C GLY A 140 -9.56 13.87 17.77
N SER A 141 -9.74 12.59 18.08
CA SER A 141 -8.83 11.58 17.58
C SER A 141 -9.05 11.35 16.10
N LEU A 142 -7.98 10.96 15.42
CA LEU A 142 -8.02 10.70 13.99
C LEU A 142 -8.10 9.21 13.73
N ARG A 143 -8.67 8.87 12.57
CA ARG A 143 -8.62 7.52 12.02
C ARG A 143 -8.20 7.63 10.56
N VAL A 144 -7.27 6.77 10.16
CA VAL A 144 -6.79 6.65 8.79
C VAL A 144 -7.17 5.26 8.30
N SER A 145 -7.98 5.20 7.25
CA SER A 145 -8.55 3.93 6.80
C SER A 145 -9.18 4.12 5.45
N ASP A 146 -9.44 2.98 4.80
CA ASP A 146 -10.20 2.99 3.55
C ASP A 146 -11.59 2.40 3.71
N HIS A 147 -12.01 2.04 4.91
CA HIS A 147 -13.36 1.49 5.05
C HIS A 147 -14.13 2.17 6.17
N TRP A 148 -15.28 2.68 5.78
CA TRP A 148 -16.09 3.57 6.57
C TRP A 148 -17.54 3.12 6.43
N ASN A 149 -18.36 3.49 7.40
CA ASN A 149 -19.80 3.25 7.29
C ASN A 149 -20.12 1.78 6.99
N PHE A 150 -19.53 0.88 7.79
CA PHE A 150 -19.62 -0.55 7.51
C PHE A 150 -20.41 -1.26 8.59
N GLY A 151 -20.40 -2.60 8.54
CA GLY A 151 -21.32 -3.35 9.35
C GLY A 151 -22.71 -3.22 8.75
N GLN A 152 -23.69 -3.52 9.58
CA GLN A 152 -25.06 -3.45 9.13
C GLN A 152 -25.57 -2.03 9.30
N ASP A 153 -26.27 -1.55 8.28
CA ASP A 153 -26.87 -0.22 8.27
C ASP A 153 -25.86 0.90 8.52
N GLY A 154 -24.61 0.70 8.11
CA GLY A 154 -23.58 1.71 8.24
C GLY A 154 -23.14 2.03 9.65
N GLU A 155 -23.30 1.09 10.58
CA GLU A 155 -23.11 1.40 12.00
C GLU A 155 -21.66 1.65 12.38
N HIS A 156 -20.70 1.00 11.72
CA HIS A 156 -19.32 1.07 12.19
C HIS A 156 -18.54 2.17 11.48
N CYS A 157 -17.83 2.97 12.27
CA CYS A 157 -17.06 4.12 11.76
C CYS A 157 -17.94 4.96 10.83
N PRO A 158 -19.09 5.44 11.32
CA PRO A 158 -19.96 6.27 10.50
C PRO A 158 -19.30 7.61 10.24
N THR A 159 -19.57 8.17 9.05
CA THR A 159 -19.03 9.48 8.68
C THR A 159 -20.18 10.45 8.45
N ALA A 160 -19.88 11.74 8.64
CA ALA A 160 -20.93 12.75 8.51
C ALA A 160 -21.39 12.89 7.06
N GLU A 161 -20.47 12.77 6.12
CA GLU A 161 -20.77 12.80 4.69
C GLU A 161 -20.06 11.65 4.02
N PRO A 162 -20.34 11.37 2.72
CA PRO A 162 -19.80 10.11 2.16
C PRO A 162 -18.27 10.15 2.14
N VAL A 163 -17.66 9.00 2.43
CA VAL A 163 -16.22 8.84 2.35
C VAL A 163 -15.95 7.50 1.68
N ASP A 164 -15.31 7.53 0.52
CA ASP A 164 -15.04 6.33 -0.27
C ASP A 164 -13.53 6.27 -0.47
N GLY A 165 -12.88 5.32 0.16
CA GLY A 165 -11.46 5.11 -0.01
C GLY A 165 -10.64 5.67 1.13
N TRP A 166 -9.33 5.71 0.91
CA TRP A 166 -8.40 6.10 1.96
C TRP A 166 -8.65 7.55 2.36
N ALA A 167 -8.72 7.79 3.66
CA ALA A 167 -8.99 9.12 4.18
C ALA A 167 -8.50 9.23 5.61
N VAL A 168 -8.32 10.48 6.03
CA VAL A 168 -8.14 10.84 7.43
C VAL A 168 -9.43 11.51 7.87
N CYS A 169 -10.03 11.00 8.95
CA CYS A 169 -11.19 11.63 9.55
C CYS A 169 -10.95 11.85 11.04
N LYS A 170 -11.68 12.82 11.59
CA LYS A 170 -11.63 13.17 13.01
C LYS A 170 -12.96 12.83 13.68
N PHE A 171 -12.88 12.30 14.89
CA PHE A 171 -14.08 11.86 15.57
C PHE A 171 -14.66 13.00 16.42
N GLU A 172 -15.93 13.29 16.21
CA GLU A 172 -16.63 14.29 17.03
C GLU A 172 -18.08 13.87 17.12
N ASN A 173 -18.60 13.93 18.33
CA ASN A 173 -20.03 13.73 18.59
C ASN A 173 -20.56 12.46 17.94
N GLY A 174 -19.80 11.37 18.06
CA GLY A 174 -20.28 10.07 17.68
C GLY A 174 -20.05 9.70 16.23
N LYS A 175 -19.43 10.58 15.44
CA LYS A 175 -19.20 10.31 14.03
C LYS A 175 -17.83 10.82 13.61
N TYR A 176 -17.36 10.25 12.50
CA TYR A 176 -16.14 10.73 11.87
C TYR A 176 -16.44 11.82 10.84
N HIS A 177 -15.55 12.80 10.77
CA HIS A 177 -15.66 13.94 9.88
C HIS A 177 -14.39 14.02 9.02
N LEU A 178 -14.58 14.10 7.72
CA LEU A 178 -13.45 14.06 6.80
C LEU A 178 -12.55 15.26 7.02
N ILE A 179 -11.24 15.02 7.09
CA ILE A 179 -10.30 16.13 7.04
C ILE A 179 -9.27 16.03 5.91
N LYS A 180 -8.97 14.84 5.39
CA LYS A 180 -8.09 14.71 4.22
C LYS A 180 -8.53 13.48 3.44
N LYS A 181 -8.84 13.67 2.17
CA LYS A 181 -9.12 12.57 1.27
C LYS A 181 -7.89 12.31 0.41
N PHE A 182 -7.42 11.07 0.38
CA PHE A 182 -6.20 10.78 -0.36
C PHE A 182 -6.46 10.53 -1.84
C ACT B . -10.32 -0.78 15.29
O ACT B . -10.97 -0.07 16.16
OXT ACT B . -10.11 -0.42 14.12
CH3 ACT B . -9.77 -2.13 15.66
H1 ACT B . -10.39 -2.58 16.42
H2 ACT B . -8.76 -2.03 16.04
H3 ACT B . -9.76 -2.76 14.78
C1 PEG C . -10.85 -0.81 11.39
O1 PEG C . -11.97 -0.17 11.98
C2 PEG C . -11.19 -2.27 11.09
O2 PEG C . -10.08 -3.08 11.38
C3 PEG C . -9.42 -3.54 10.24
C4 PEG C . -8.56 -2.40 9.67
O4 PEG C . -8.75 -2.28 8.29
H11 PEG C . -10.01 -0.76 12.07
H12 PEG C . -10.60 -0.29 10.47
HO1 PEG C . -12.03 -0.42 12.90
H21 PEG C . -11.44 -2.37 10.04
H22 PEG C . -12.03 -2.57 11.69
H31 PEG C . -10.14 -3.85 9.49
H32 PEG C . -8.78 -4.38 10.50
H41 PEG C . -7.51 -2.62 9.86
H42 PEG C . -8.83 -1.48 10.16
HO4 PEG C . -8.04 -2.68 7.84
C1 PEG D . -13.46 -0.17 0.66
O1 PEG D . -14.48 0.40 -0.12
C2 PEG D . -13.94 -1.50 1.23
O2 PEG D . -12.82 -2.33 1.43
C3 PEG D . -13.04 -3.51 2.14
C4 PEG D . -13.92 -4.49 1.35
O4 PEG D . -15.27 -4.11 1.44
H11 PEG D . -13.20 0.50 1.48
H12 PEG D . -12.58 -0.33 0.04
HO1 PEG D . -15.14 0.75 0.45
H21 PEG D . -14.62 -1.97 0.52
H22 PEG D . -14.45 -1.35 2.16
H31 PEG D . -13.54 -3.28 3.07
H32 PEG D . -12.10 -3.99 2.34
H41 PEG D . -13.80 -5.49 1.74
H42 PEG D . -13.61 -4.47 0.30
HO4 PEG D . -15.64 -4.08 0.57
C ACT E . -15.14 19.87 5.91
O ACT E . -14.53 20.00 7.01
OXT ACT E . -14.50 19.46 4.89
CH3 ACT E . -16.60 20.25 5.81
H1 ACT E . -16.78 21.19 6.32
H2 ACT E . -17.21 19.47 6.26
H3 ACT E . -16.88 20.36 4.76
C1 PEG F . -13.07 -2.05 -2.38
O1 PEG F . -13.44 -2.78 -1.24
C2 PEG F . -11.90 -2.76 -3.04
O2 PEG F . -11.01 -3.15 -2.03
C3 PEG F . -9.86 -2.34 -1.92
C4 PEG F . -9.29 -2.47 -0.52
O4 PEG F . -8.64 -3.71 -0.38
H11 PEG F . -12.79 -1.05 -2.09
H12 PEG F . -13.91 -2.01 -3.07
HO1 PEG F . -12.70 -2.86 -0.66
H21 PEG F . -12.24 -3.63 -3.58
H22 PEG F . -11.40 -2.08 -3.72
H31 PEG F . -9.12 -2.65 -2.65
H32 PEG F . -10.13 -1.31 -2.10
H41 PEG F . -8.58 -1.67 -0.34
H42 PEG F . -10.09 -2.41 0.21
HO4 PEG F . -9.23 -4.41 -0.56
MG MG G . -18.41 16.87 21.59
#